data_8XBC
#
_entry.id   8XBC
#
_cell.length_a   45.610
_cell.length_b   84.920
_cell.length_c   100.390
_cell.angle_alpha   90.00
_cell.angle_beta   90.00
_cell.angle_gamma   90.00
#
_symmetry.space_group_name_H-M   'P 21 21 21'
#
loop_
_entity.id
_entity.type
_entity.pdbx_description
1 polymer XylA
2 branched beta-D-xylopyranose-(1-3)-beta-D-xylopyranose-(1-3)-beta-D-xylopyranose
3 water water
#
_entity_poly.entity_id   1
_entity_poly.type   'polypeptide(L)'
_entity_poly.pdbx_seq_one_letter_code
;MLRNHKLSKVFSATAISLFLSSTAFADTTVRMMHIETDPNVLGVWEEIAKDFEAKNPDIKVNLEFLENEAFKAKLPTLLQ
SQQKPDLFYSWGGGNFQVRAESGLLEDMEGYSATLNQELSAAGMNAFKIDGKQYGAPYMVSQVGFWYNKKLFKQAGIDGE
SIQTWDEFLTAIEKLKAAGITPIAVGGADKWPMHFYWSYLAMRAGGQEAFAAAMQDQGDGFAGEAFVRAGEELKRLAALE
PFQPGFMAAGYGESAGLFGDYKAAIHLMGDWDYNFQAQQAVDKKGVVDSDLGFMNFPVLKGGAGAGSDTLGGINGFAFAK
GAKPEAAKWLEFFLNENSQTKLAEIDQIIPVAKGADKGLKNPFKQKISQTISSAQWHQVFFDQALGADVGGVVNDISVGI
VNGDVTPKEAAEQVQEAWEMRLEHHHHHH
;
_entity_poly.pdbx_strand_id   A
#
# COMPACT_ATOMS: atom_id res chain seq x y z
N ASP A 27 15.16 5.16 33.49
CA ASP A 27 14.65 5.54 32.18
C ASP A 27 14.92 4.43 31.16
N THR A 28 14.00 4.28 30.21
CA THR A 28 14.17 3.29 29.16
C THR A 28 13.69 3.90 27.84
N THR A 29 14.28 3.44 26.75
CA THR A 29 14.03 4.00 25.43
C THR A 29 13.33 2.97 24.56
N VAL A 30 12.19 3.33 24.00
CA VAL A 30 11.50 2.55 22.99
C VAL A 30 11.97 3.03 21.63
N ARG A 31 12.42 2.10 20.79
CA ARG A 31 12.90 2.42 19.45
C ARG A 31 11.89 1.92 18.43
N MET A 32 11.38 2.82 17.60
CA MET A 32 10.37 2.49 16.59
C MET A 32 10.90 2.85 15.20
N MET A 33 11.11 1.84 14.35
CA MET A 33 11.60 2.05 13.00
C MET A 33 10.43 2.22 12.03
N HIS A 34 10.52 3.22 11.15
CA HIS A 34 9.41 3.61 10.28
C HIS A 34 9.97 4.10 8.96
N ILE A 35 9.09 4.25 7.97
CA ILE A 35 9.39 4.65 6.61
C ILE A 35 8.76 6.01 6.24
N GLU A 36 8.21 6.74 7.21
CA GLU A 36 7.50 7.97 6.87
C GLU A 36 8.47 9.10 6.52
N THR A 37 8.13 9.85 5.47
CA THR A 37 8.89 11.04 5.08
C THR A 37 8.10 12.34 5.18
N ASP A 38 6.79 12.29 5.29
CA ASP A 38 6.00 13.51 5.22
C ASP A 38 6.29 14.39 6.42
N PRO A 39 6.64 15.67 6.20
CA PRO A 39 6.97 16.54 7.34
C PRO A 39 5.80 16.80 8.27
N ASN A 40 4.58 16.85 7.74
CA ASN A 40 3.41 17.11 8.59
C ASN A 40 3.08 15.89 9.44
N VAL A 41 3.21 14.70 8.86
CA VAL A 41 3.08 13.46 9.61
C VAL A 41 4.11 13.37 10.72
N LEU A 42 5.37 13.69 10.40
CA LEU A 42 6.41 13.60 11.41
C LEU A 42 6.23 14.64 12.50
N GLY A 43 5.74 15.83 12.16
CA GLY A 43 5.47 16.82 13.18
C GLY A 43 4.38 16.35 14.14
N VAL A 44 3.35 15.69 13.61
CA VAL A 44 2.32 15.11 14.46
C VAL A 44 2.89 13.98 15.31
N TRP A 45 3.67 13.08 14.71
CA TRP A 45 4.27 11.98 15.47
C TRP A 45 5.14 12.51 16.61
N GLU A 46 5.90 13.57 16.34
CA GLU A 46 6.78 14.13 17.35
C GLU A 46 6.00 14.83 18.46
N GLU A 47 4.90 15.51 18.17
CA GLU A 47 4.00 16.06 19.20
C GLU A 47 3.44 14.94 20.08
N ILE A 48 3.09 13.82 19.46
CA ILE A 48 2.55 12.72 20.25
C ILE A 48 3.64 12.16 21.16
N ALA A 49 4.85 12.00 20.63
CA ALA A 49 5.95 11.49 21.43
C ALA A 49 6.29 12.43 22.57
N LYS A 50 6.31 13.74 22.31
CA LYS A 50 6.59 14.71 23.36
C LYS A 50 5.54 14.64 24.47
N ASP A 51 4.28 14.55 24.08
CA ASP A 51 3.18 14.42 25.04
C ASP A 51 3.34 13.14 25.85
N PHE A 52 3.59 12.02 25.17
CA PHE A 52 3.79 10.74 25.85
C PHE A 52 4.95 10.81 26.84
N GLU A 53 6.05 11.45 26.45
CA GLU A 53 7.21 11.52 27.34
C GLU A 53 6.90 12.35 28.59
N ALA A 54 6.08 13.39 28.46
CA ALA A 54 5.68 14.15 29.65
C ALA A 54 4.80 13.32 30.58
N LYS A 55 3.87 12.54 30.01
CA LYS A 55 2.98 11.70 30.81
C LYS A 55 3.67 10.45 31.34
N ASN A 56 4.82 10.06 30.77
CA ASN A 56 5.52 8.83 31.14
C ASN A 56 6.98 9.21 31.33
N PRO A 57 7.32 9.83 32.46
CA PRO A 57 8.66 10.42 32.61
C PRO A 57 9.79 9.42 32.58
N ASP A 58 9.51 8.12 32.66
CA ASP A 58 10.57 7.12 32.65
C ASP A 58 10.73 6.42 31.30
N ILE A 59 9.99 6.86 30.27
CA ILE A 59 10.02 6.21 28.96
C ILE A 59 10.30 7.26 27.90
N LYS A 60 11.36 7.06 27.14
CA LYS A 60 11.69 7.90 25.99
C LYS A 60 11.37 7.15 24.70
N VAL A 61 11.10 7.89 23.64
CA VAL A 61 10.73 7.32 22.35
C VAL A 61 11.72 7.82 21.31
N ASN A 62 12.37 6.89 20.61
CA ASN A 62 13.27 7.21 19.52
C ASN A 62 12.66 6.72 18.21
N LEU A 63 12.35 7.65 17.32
CA LEU A 63 11.89 7.32 15.98
C LEU A 63 13.10 7.14 15.06
N GLU A 64 13.13 6.04 14.30
CA GLU A 64 14.25 5.68 13.45
C GLU A 64 13.77 5.53 12.01
N PHE A 65 14.09 6.50 11.16
CA PHE A 65 13.63 6.50 9.78
C PHE A 65 14.55 5.68 8.90
N LEU A 66 13.97 4.85 8.05
CA LEU A 66 14.68 4.18 6.97
C LEU A 66 13.73 4.17 5.78
N GLU A 67 14.24 4.59 4.62
CA GLU A 67 13.42 4.72 3.43
C GLU A 67 12.84 3.37 3.04
N ASN A 68 11.61 3.40 2.50
CA ASN A 68 10.82 2.22 2.16
C ASN A 68 11.65 1.10 1.55
N GLU A 69 12.28 1.35 0.40
CA GLU A 69 13.04 0.29 -0.27
C GLU A 69 14.19 -0.21 0.60
N ALA A 70 14.93 0.71 1.22
CA ALA A 70 16.05 0.31 2.07
C ALA A 70 15.55 -0.48 3.27
N PHE A 71 14.42 -0.05 3.84
CA PHE A 71 13.84 -0.72 4.99
C PHE A 71 13.51 -2.17 4.67
N LYS A 72 12.79 -2.41 3.58
CA LYS A 72 12.44 -3.77 3.21
C LYS A 72 13.68 -4.64 2.98
N ALA A 73 14.71 -4.08 2.36
CA ALA A 73 15.90 -4.87 2.04
C ALA A 73 16.78 -5.12 3.27
N LYS A 74 16.86 -4.15 4.18
CA LYS A 74 17.74 -4.26 5.34
C LYS A 74 17.10 -4.94 6.55
N LEU A 75 15.78 -5.01 6.59
CA LEU A 75 15.10 -5.54 7.77
C LEU A 75 15.53 -6.96 8.13
N PRO A 76 15.64 -7.92 7.19
CA PRO A 76 16.05 -9.28 7.60
C PRO A 76 17.36 -9.31 8.37
N THR A 77 18.35 -8.63 7.88
CA THR A 77 19.62 -8.50 8.62
C THR A 77 19.39 -7.88 9.98
N LEU A 78 18.72 -6.74 10.05
CA LEU A 78 18.41 -6.09 11.33
C LEU A 78 17.72 -6.97 12.35
N LEU A 79 16.80 -7.80 11.90
CA LEU A 79 16.04 -8.63 12.82
C LEU A 79 16.84 -9.77 13.42
N GLN A 80 17.95 -10.13 12.78
CA GLN A 80 18.79 -11.20 13.30
C GLN A 80 19.94 -10.68 14.14
N SER A 81 19.97 -9.38 14.42
CA SER A 81 21.14 -8.72 14.99
C SER A 81 20.82 -8.17 16.37
N GLN A 82 21.85 -7.58 16.98
CA GLN A 82 21.69 -6.84 18.23
C GLN A 82 21.18 -5.42 18.01
N GLN A 83 21.15 -4.95 16.76
CA GLN A 83 20.72 -3.60 16.45
C GLN A 83 19.21 -3.47 16.35
N LYS A 84 18.46 -4.52 16.62
CA LYS A 84 17.03 -4.49 16.32
C LYS A 84 16.29 -3.53 17.24
N PRO A 85 15.26 -2.86 16.73
CA PRO A 85 14.44 -1.96 17.55
C PRO A 85 13.38 -2.75 18.30
N ASP A 86 12.60 -2.03 19.11
CA ASP A 86 11.43 -2.64 19.75
C ASP A 86 10.32 -2.87 18.74
N LEU A 87 10.10 -1.87 17.87
CA LEU A 87 8.96 -1.84 16.95
C LEU A 87 9.46 -1.50 15.56
N PHE A 88 8.80 -2.09 14.55
CA PHE A 88 9.14 -1.76 13.18
C PHE A 88 7.89 -1.83 12.31
N TYR A 89 7.86 -0.99 11.28
CA TYR A 89 6.73 -0.93 10.36
C TYR A 89 6.52 -2.27 9.69
N SER A 90 5.26 -2.63 9.49
CA SER A 90 4.92 -3.93 8.94
C SER A 90 3.69 -3.82 8.05
N TRP A 91 3.67 -4.61 6.98
CA TRP A 91 2.51 -4.75 6.13
C TRP A 91 1.68 -5.97 6.50
N GLY A 92 2.00 -6.63 7.59
CA GLY A 92 1.38 -7.93 7.82
C GLY A 92 1.78 -8.90 6.72
N GLY A 93 0.84 -9.76 6.35
CA GLY A 93 1.07 -10.59 5.19
C GLY A 93 2.12 -11.67 5.39
N GLY A 94 2.74 -12.07 4.28
CA GLY A 94 3.58 -13.27 4.29
C GLY A 94 4.83 -13.16 5.15
N ASN A 95 5.56 -12.03 5.04
CA ASN A 95 6.77 -11.87 5.85
C ASN A 95 6.44 -11.86 7.33
N PHE A 96 5.33 -11.22 7.70
CA PHE A 96 4.91 -11.22 9.10
C PHE A 96 4.68 -12.63 9.61
N GLN A 97 3.97 -13.45 8.82
CA GLN A 97 3.71 -14.84 9.23
C GLN A 97 5.01 -15.61 9.44
N VAL A 98 5.95 -15.49 8.49
CA VAL A 98 7.19 -16.26 8.59
C VAL A 98 8.07 -15.75 9.73
N ARG A 99 8.11 -14.42 9.93
CA ARG A 99 8.88 -13.85 11.04
C ARG A 99 8.33 -14.33 12.38
N ALA A 100 7.01 -14.42 12.51
CA ALA A 100 6.41 -14.95 13.72
C ALA A 100 6.78 -16.42 13.92
N GLU A 101 6.66 -17.23 12.87
CA GLU A 101 6.97 -18.65 12.99
C GLU A 101 8.44 -18.89 13.31
N SER A 102 9.32 -17.98 12.89
CA SER A 102 10.76 -18.13 13.05
C SER A 102 11.28 -17.62 14.38
N GLY A 103 10.40 -17.12 15.25
CA GLY A 103 10.84 -16.61 16.53
C GLY A 103 11.49 -15.24 16.50
N LEU A 104 11.18 -14.42 15.50
CA LEU A 104 11.79 -13.12 15.34
C LEU A 104 10.95 -11.98 15.92
N LEU A 105 9.77 -12.32 16.37
CA LEU A 105 8.86 -11.34 16.96
C LEU A 105 8.56 -11.60 18.45
N GLU A 106 8.05 -10.60 19.12
CA GLU A 106 7.74 -10.72 20.54
C GLU A 106 6.25 -10.71 20.82
N ASP A 107 5.77 -11.68 21.58
CA ASP A 107 4.37 -11.75 21.95
C ASP A 107 4.06 -10.76 23.05
N MET A 108 3.24 -9.79 22.72
CA MET A 108 2.79 -8.77 23.67
C MET A 108 1.34 -8.92 24.11
N GLU A 109 0.81 -10.12 24.02
CA GLU A 109 -0.56 -10.36 24.46
C GLU A 109 -0.85 -9.89 25.88
N GLY A 110 0.11 -10.03 26.76
CA GLY A 110 -0.04 -9.61 28.13
C GLY A 110 0.00 -8.13 28.35
N TYR A 111 0.21 -7.36 27.31
CA TYR A 111 0.25 -5.92 27.37
C TYR A 111 -0.69 -5.32 26.36
N SER A 112 -1.66 -6.08 25.87
CA SER A 112 -2.52 -5.63 24.80
C SER A 112 -3.97 -5.22 25.10
N ALA A 113 -4.31 -5.13 26.36
CA ALA A 113 -5.67 -4.80 26.71
C ALA A 113 -6.19 -3.46 26.17
N THR A 114 -5.38 -2.42 26.31
CA THR A 114 -5.82 -1.11 25.86
C THR A 114 -5.85 -1.08 24.34
N LEU A 115 -4.85 -1.70 23.73
CA LEU A 115 -4.83 -1.80 22.28
C LEU A 115 -6.11 -2.44 21.74
N ASN A 116 -6.52 -3.52 22.39
CA ASN A 116 -7.76 -4.20 22.00
C ASN A 116 -9.01 -3.36 22.23
N GLN A 117 -8.98 -2.53 23.24
CA GLN A 117 -10.11 -1.65 23.47
C GLN A 117 -10.20 -0.50 22.47
N GLU A 118 -9.07 0.10 22.12
CA GLU A 118 -9.05 1.28 21.29
C GLU A 118 -8.99 1.10 19.79
N LEU A 119 -8.49 -0.02 19.33
CA LEU A 119 -8.30 -0.27 17.91
C LEU A 119 -9.28 -1.26 17.32
N SER A 120 -9.46 -1.19 16.02
CA SER A 120 -10.35 -2.12 15.35
C SER A 120 -9.99 -3.55 15.62
N ALA A 121 -11.02 -4.38 15.69
CA ALA A 121 -10.81 -5.79 15.94
C ALA A 121 -10.10 -6.45 14.76
N ALA A 122 -10.48 -6.07 13.58
CA ALA A 122 -9.83 -6.61 12.38
C ALA A 122 -8.37 -6.20 12.28
N GLY A 123 -8.09 -4.98 12.64
CA GLY A 123 -6.73 -4.51 12.61
C GLY A 123 -5.90 -5.25 13.63
N MET A 124 -6.42 -5.43 14.83
CA MET A 124 -5.72 -6.21 15.87
C MET A 124 -5.53 -7.68 15.47
N ASN A 125 -6.54 -8.24 14.83
CA ASN A 125 -6.44 -9.61 14.40
C ASN A 125 -5.42 -9.83 13.27
N ALA A 126 -5.18 -8.83 12.42
CA ALA A 126 -4.19 -8.92 11.36
C ALA A 126 -2.80 -9.13 11.97
N PHE A 127 -2.61 -8.72 13.21
CA PHE A 127 -1.31 -8.81 13.83
C PHE A 127 -1.24 -9.85 14.94
N LYS A 128 -2.26 -10.71 14.98
CA LYS A 128 -2.33 -11.76 15.99
C LYS A 128 -2.24 -13.13 15.33
N ILE A 129 -1.41 -14.00 15.88
CA ILE A 129 -1.23 -15.34 15.38
C ILE A 129 -1.09 -16.36 16.55
N ASP A 130 -1.81 -17.46 16.47
CA ASP A 130 -1.74 -18.53 17.48
C ASP A 130 -1.90 -18.06 18.93
N GLY A 131 -2.79 -17.10 19.18
CA GLY A 131 -2.96 -16.53 20.51
C GLY A 131 -1.95 -15.51 20.91
N LYS A 132 -1.08 -15.14 19.99
CA LYS A 132 0.04 -14.25 20.28
C LYS A 132 -0.08 -12.92 19.51
N GLN A 133 -0.06 -11.84 20.26
CA GLN A 133 -0.17 -10.51 19.66
C GLN A 133 1.23 -9.97 19.31
N TYR A 134 1.58 -10.06 18.05
CA TYR A 134 2.94 -9.67 17.59
C TYR A 134 3.06 -8.29 17.00
N GLY A 135 2.00 -7.55 17.08
CA GLY A 135 1.97 -6.23 16.50
C GLY A 135 0.65 -5.52 16.74
N ALA A 136 0.50 -4.35 16.14
CA ALA A 136 -0.77 -3.61 16.22
C ALA A 136 -0.94 -2.78 14.95
N PRO A 137 -2.18 -2.55 14.55
CA PRO A 137 -2.43 -1.82 13.33
C PRO A 137 -2.26 -0.31 13.43
N TYR A 138 -1.92 0.30 12.31
CA TYR A 138 -1.72 1.76 12.25
C TYR A 138 -2.67 2.42 11.22
N MET A 139 -2.89 1.77 10.11
CA MET A 139 -3.72 2.35 9.06
C MET A 139 -4.28 1.35 8.10
N VAL A 140 -5.34 1.70 7.40
CA VAL A 140 -5.83 0.89 6.28
C VAL A 140 -5.70 1.79 5.04
N SER A 141 -5.56 1.20 3.88
CA SER A 141 -5.36 1.96 2.66
C SER A 141 -6.05 1.37 1.45
N GLN A 142 -6.26 2.20 0.44
CA GLN A 142 -6.77 1.75 -0.83
C GLN A 142 -5.90 2.22 -1.97
N VAL A 143 -5.60 1.33 -2.91
CA VAL A 143 -4.94 1.70 -4.11
C VAL A 143 -6.00 2.03 -5.18
N GLY A 144 -5.85 3.18 -5.80
CA GLY A 144 -6.74 3.53 -6.90
C GLY A 144 -6.05 4.52 -7.80
N PHE A 145 -6.78 4.96 -8.80
CA PHE A 145 -6.23 5.92 -9.74
C PHE A 145 -6.44 7.40 -9.38
N TRP A 146 -5.38 8.03 -8.93
CA TRP A 146 -5.41 9.48 -8.74
C TRP A 146 -5.27 9.99 -10.17
N TYR A 147 -6.01 11.02 -10.49
CA TYR A 147 -5.95 11.61 -11.80
C TYR A 147 -6.10 13.13 -11.83
N ASN A 148 -5.61 13.70 -12.90
CA ASN A 148 -5.64 15.15 -13.07
C ASN A 148 -6.79 15.58 -13.97
N LYS A 149 -7.77 16.18 -13.35
CA LYS A 149 -8.96 16.64 -14.06
C LYS A 149 -8.69 17.69 -15.10
N LYS A 150 -7.66 18.48 -14.88
CA LYS A 150 -7.30 19.52 -15.81
C LYS A 150 -6.75 18.92 -17.08
N LEU A 151 -5.87 17.96 -16.95
CA LEU A 151 -5.35 17.25 -18.13
C LEU A 151 -6.42 16.41 -18.82
N PHE A 152 -7.30 15.78 -18.08
CA PHE A 152 -8.43 15.00 -18.64
C PHE A 152 -9.36 15.93 -19.45
N LYS A 153 -9.69 17.07 -18.90
CA LYS A 153 -10.51 18.06 -19.61
C LYS A 153 -9.81 18.49 -20.88
N GLN A 154 -8.53 18.76 -20.80
CA GLN A 154 -7.79 19.09 -21.98
C GLN A 154 -7.90 18.03 -23.08
N ALA A 155 -7.96 16.78 -22.69
CA ALA A 155 -7.96 15.68 -23.65
C ALA A 155 -9.33 15.21 -24.01
N GLY A 156 -10.33 15.78 -23.39
CA GLY A 156 -11.66 15.41 -23.68
C GLY A 156 -12.21 14.24 -22.92
N ILE A 157 -11.73 14.03 -21.71
CA ILE A 157 -12.14 12.88 -20.92
C ILE A 157 -12.89 13.22 -19.63
N ASP A 158 -14.01 12.58 -19.40
CA ASP A 158 -14.75 12.71 -18.15
C ASP A 158 -14.30 11.55 -17.28
N GLY A 159 -13.47 11.89 -16.32
CA GLY A 159 -12.92 10.87 -15.44
C GLY A 159 -13.89 10.09 -14.61
N GLU A 160 -15.08 10.60 -14.41
CA GLU A 160 -16.09 9.92 -13.64
C GLU A 160 -16.83 8.91 -14.49
N SER A 161 -16.60 8.94 -15.78
CA SER A 161 -17.20 7.97 -16.74
C SER A 161 -16.32 6.80 -17.10
N ILE A 162 -15.21 6.64 -16.40
CA ILE A 162 -14.35 5.50 -16.64
C ILE A 162 -14.70 4.36 -15.73
N GLN A 163 -15.59 3.48 -16.16
CA GLN A 163 -16.04 2.38 -15.36
C GLN A 163 -15.43 1.05 -15.79
N THR A 164 -14.97 0.99 -17.03
CA THR A 164 -14.42 -0.23 -17.56
C THR A 164 -13.00 -0.08 -18.02
N TRP A 165 -12.30 -1.19 -18.11
CA TRP A 165 -10.91 -1.20 -18.59
C TRP A 165 -10.79 -0.68 -20.04
N ASP A 166 -11.73 -1.05 -20.90
CA ASP A 166 -11.71 -0.53 -22.24
C ASP A 166 -11.88 1.00 -22.26
N GLU A 167 -12.73 1.50 -21.39
CA GLU A 167 -12.87 2.95 -21.26
C GLU A 167 -11.58 3.61 -20.78
N PHE A 168 -10.90 2.92 -19.87
CA PHE A 168 -9.63 3.42 -19.37
C PHE A 168 -8.59 3.51 -20.50
N LEU A 169 -8.56 2.47 -21.32
CA LEU A 169 -7.62 2.46 -22.45
C LEU A 169 -7.94 3.51 -23.50
N THR A 170 -9.22 3.76 -23.70
CA THR A 170 -9.63 4.84 -24.59
C THR A 170 -9.14 6.17 -24.03
N ALA A 171 -9.22 6.37 -22.73
CA ALA A 171 -8.68 7.58 -22.11
C ALA A 171 -7.19 7.72 -22.32
N ILE A 172 -6.46 6.61 -22.20
CA ILE A 172 -5.04 6.64 -22.48
C ILE A 172 -4.75 7.14 -23.90
N GLU A 173 -5.47 6.61 -24.88
CA GLU A 173 -5.30 7.06 -26.26
C GLU A 173 -5.60 8.55 -26.43
N LYS A 174 -6.64 9.03 -25.75
CA LYS A 174 -7.03 10.44 -25.83
C LYS A 174 -5.95 11.33 -25.23
N LEU A 175 -5.40 10.88 -24.11
CA LEU A 175 -4.32 11.61 -23.49
C LEU A 175 -3.13 11.69 -24.38
N LYS A 176 -2.76 10.56 -24.97
CA LYS A 176 -1.67 10.55 -25.94
C LYS A 176 -1.91 11.46 -27.12
N ALA A 177 -3.11 11.45 -27.63
CA ALA A 177 -3.50 12.34 -28.72
C ALA A 177 -3.35 13.79 -28.40
N ALA A 178 -3.58 14.15 -27.15
CA ALA A 178 -3.38 15.51 -26.71
C ALA A 178 -1.95 15.83 -26.35
N GLY A 179 -1.05 14.89 -26.49
CA GLY A 179 0.35 15.10 -26.18
C GLY A 179 0.63 15.05 -24.67
N ILE A 180 -0.24 14.42 -23.91
CA ILE A 180 -0.10 14.36 -22.45
C ILE A 180 0.38 12.96 -22.10
N THR A 181 1.42 12.87 -21.28
CA THR A 181 1.89 11.56 -20.81
C THR A 181 0.78 10.99 -19.96
N PRO A 182 0.22 9.87 -20.38
CA PRO A 182 -0.94 9.34 -19.65
C PRO A 182 -0.66 8.92 -18.21
N ILE A 183 0.36 8.11 -18.00
CA ILE A 183 0.59 7.53 -16.68
C ILE A 183 1.95 7.73 -16.13
N ALA A 184 2.03 8.14 -14.87
CA ALA A 184 3.29 8.14 -14.14
C ALA A 184 3.40 6.81 -13.39
N VAL A 185 4.53 6.15 -13.55
CA VAL A 185 4.78 4.93 -12.79
C VAL A 185 6.25 4.87 -12.27
N GLY A 186 6.40 4.38 -11.06
CA GLY A 186 7.72 4.22 -10.46
C GLY A 186 8.25 2.84 -10.78
N GLY A 187 8.59 2.65 -12.05
CA GLY A 187 9.03 1.34 -12.50
C GLY A 187 10.26 0.75 -11.87
N ALA A 188 11.23 1.58 -11.54
CA ALA A 188 12.41 1.09 -10.86
C ALA A 188 12.13 0.33 -9.58
N ASP A 189 11.12 0.76 -8.84
CA ASP A 189 10.75 0.10 -7.59
C ASP A 189 9.89 -1.14 -7.80
N LYS A 190 9.37 -1.34 -9.00
CA LYS A 190 8.59 -2.54 -9.39
C LYS A 190 7.17 -2.66 -8.81
N TRP A 191 7.07 -2.51 -7.52
CA TRP A 191 5.77 -2.58 -6.88
C TRP A 191 4.72 -1.60 -7.41
N PRO A 192 5.10 -0.39 -7.82
CA PRO A 192 4.06 0.47 -8.43
C PRO A 192 3.49 -0.09 -9.73
N MET A 193 4.26 -0.87 -10.44
CA MET A 193 3.74 -1.55 -11.60
C MET A 193 2.93 -2.80 -11.27
N HIS A 194 3.32 -3.49 -10.19
CA HIS A 194 2.59 -4.65 -9.77
C HIS A 194 1.14 -4.40 -9.38
N PHE A 195 0.84 -3.16 -9.05
CA PHE A 195 -0.54 -2.77 -8.77
C PHE A 195 -1.47 -3.04 -10.01
N TYR A 196 -0.95 -2.83 -11.22
CA TYR A 196 -1.69 -3.10 -12.45
C TYR A 196 -1.96 -4.60 -12.65
N TRP A 197 -0.91 -5.41 -12.53
CA TRP A 197 -1.08 -6.85 -12.67
C TRP A 197 -2.03 -7.38 -11.63
N SER A 198 -1.85 -6.93 -10.39
CA SER A 198 -2.66 -7.40 -9.29
C SER A 198 -4.13 -7.06 -9.46
N TYR A 199 -4.41 -5.79 -9.77
CA TYR A 199 -5.78 -5.37 -9.96
C TYR A 199 -6.46 -6.10 -11.13
N LEU A 200 -5.71 -6.31 -12.20
CA LEU A 200 -6.27 -7.01 -13.38
C LEU A 200 -6.59 -8.45 -13.04
N ALA A 201 -5.72 -9.10 -12.27
CA ALA A 201 -6.00 -10.45 -11.78
C ALA A 201 -7.23 -10.48 -10.89
N MET A 202 -7.35 -9.49 -10.00
CA MET A 202 -8.53 -9.39 -9.15
C MET A 202 -9.81 -9.21 -9.93
N ARG A 203 -9.76 -8.38 -10.95
CA ARG A 203 -10.94 -8.09 -11.72
C ARG A 203 -11.31 -9.28 -12.65
N ALA A 204 -10.30 -9.97 -13.16
CA ALA A 204 -10.55 -11.14 -14.01
C ALA A 204 -11.07 -12.34 -13.27
N GLY A 205 -10.44 -12.64 -12.15
CA GLY A 205 -10.80 -13.84 -11.43
C GLY A 205 -11.66 -13.77 -10.22
N GLY A 206 -11.70 -12.63 -9.60
CA GLY A 206 -12.39 -12.53 -8.37
C GLY A 206 -11.70 -13.17 -7.19
N GLN A 207 -12.32 -13.03 -6.05
CA GLN A 207 -11.74 -13.54 -4.82
C GLN A 207 -11.52 -15.05 -4.91
N GLU A 208 -12.43 -15.75 -5.54
CA GLU A 208 -12.30 -17.20 -5.71
C GLU A 208 -11.04 -17.67 -6.50
N ALA A 209 -10.69 -16.97 -7.57
CA ALA A 209 -9.49 -17.35 -8.30
C ALA A 209 -8.24 -17.12 -7.43
N PHE A 210 -8.26 -16.06 -6.65
CA PHE A 210 -7.13 -15.79 -5.79
C PHE A 210 -7.04 -16.82 -4.65
N ALA A 211 -8.16 -17.18 -4.09
CA ALA A 211 -8.19 -18.17 -3.04
C ALA A 211 -7.63 -19.52 -3.51
N ALA A 212 -8.00 -19.91 -4.69
CA ALA A 212 -7.51 -21.16 -5.23
C ALA A 212 -6.01 -21.10 -5.48
N ALA A 213 -5.55 -19.95 -5.94
CA ALA A 213 -4.15 -19.76 -6.20
C ALA A 213 -3.29 -19.83 -4.92
N MET A 214 -3.81 -19.27 -3.84
CA MET A 214 -3.10 -19.34 -2.56
C MET A 214 -3.00 -20.74 -2.05
N GLN A 215 -4.01 -21.55 -2.35
CA GLN A 215 -3.97 -22.95 -1.97
C GLN A 215 -3.25 -23.83 -3.00
N ASP A 216 -2.86 -23.25 -4.11
CA ASP A 216 -2.19 -23.98 -5.22
C ASP A 216 -3.11 -25.07 -5.75
N GLN A 217 -4.38 -24.76 -5.84
CA GLN A 217 -5.34 -25.67 -6.39
C GLN A 217 -5.41 -25.44 -7.86
N GLY A 218 -5.64 -26.51 -8.59
CA GLY A 218 -5.74 -26.41 -10.03
C GLY A 218 -4.47 -25.88 -10.65
N ASP A 219 -4.61 -24.87 -11.48
CA ASP A 219 -3.44 -24.22 -12.10
C ASP A 219 -2.85 -23.12 -11.21
N GLY A 220 -3.52 -22.83 -10.12
CA GLY A 220 -3.03 -21.85 -9.18
C GLY A 220 -2.80 -20.51 -9.78
N PHE A 221 -1.65 -19.95 -9.47
CA PHE A 221 -1.31 -18.62 -9.97
C PHE A 221 -1.01 -18.65 -11.47
N ALA A 222 -0.92 -19.84 -12.06
CA ALA A 222 -0.72 -19.98 -13.49
C ALA A 222 -2.08 -20.12 -14.20
N GLY A 223 -3.14 -19.90 -13.47
CA GLY A 223 -4.47 -19.97 -14.04
C GLY A 223 -4.91 -18.85 -14.93
N GLU A 224 -6.07 -19.03 -15.56
CA GLU A 224 -6.58 -18.10 -16.53
C GLU A 224 -6.67 -16.63 -16.15
N ALA A 225 -7.10 -16.34 -14.94
CA ALA A 225 -7.18 -14.97 -14.49
C ALA A 225 -5.82 -14.27 -14.41
N PHE A 226 -4.79 -15.03 -14.06
CA PHE A 226 -3.44 -14.46 -13.95
C PHE A 226 -2.76 -14.30 -15.29
N VAL A 227 -3.08 -15.23 -16.21
CA VAL A 227 -2.63 -15.08 -17.58
C VAL A 227 -3.34 -13.88 -18.19
N ARG A 228 -4.65 -13.76 -17.94
CA ARG A 228 -5.41 -12.60 -18.42
C ARG A 228 -4.84 -11.27 -17.90
N ALA A 229 -4.50 -11.24 -16.62
CA ALA A 229 -3.86 -10.06 -16.05
C ALA A 229 -2.66 -9.58 -16.82
N GLY A 230 -1.79 -10.52 -17.15
CA GLY A 230 -0.63 -10.15 -17.96
C GLY A 230 -0.94 -9.75 -19.38
N GLU A 231 -1.92 -10.43 -19.96
CA GLU A 231 -2.37 -10.07 -21.29
C GLU A 231 -2.90 -8.61 -21.36
N GLU A 232 -3.66 -8.23 -20.37
CA GLU A 232 -4.21 -6.89 -20.31
C GLU A 232 -3.15 -5.88 -19.93
N LEU A 233 -2.22 -6.29 -19.10
CA LEU A 233 -1.09 -5.40 -18.82
C LEU A 233 -0.28 -5.16 -20.09
N LYS A 234 -0.07 -6.22 -20.87
CA LYS A 234 0.69 -6.11 -22.10
C LYS A 234 -0.02 -5.19 -23.08
N ARG A 235 -1.33 -5.26 -23.07
CA ARG A 235 -2.16 -4.41 -23.93
C ARG A 235 -2.00 -2.93 -23.57
N LEU A 236 -1.99 -2.66 -22.28
CA LEU A 236 -1.75 -1.27 -21.81
C LEU A 236 -0.36 -0.81 -22.19
N ALA A 237 0.64 -1.65 -21.93
CA ALA A 237 2.03 -1.36 -22.26
C ALA A 237 2.26 -1.07 -23.75
N ALA A 238 1.49 -1.75 -24.59
CA ALA A 238 1.59 -1.56 -26.03
C ALA A 238 1.09 -0.20 -26.48
N LEU A 239 0.29 0.47 -25.65
CA LEU A 239 -0.12 1.84 -25.91
C LEU A 239 0.97 2.80 -25.52
N GLU A 240 2.08 2.31 -24.98
CA GLU A 240 3.15 3.17 -24.49
C GLU A 240 2.63 4.32 -23.60
N PRO A 241 2.02 3.99 -22.47
CA PRO A 241 1.36 5.03 -21.66
C PRO A 241 2.19 5.67 -20.60
N PHE A 242 3.40 5.18 -20.35
CA PHE A 242 4.23 5.68 -19.29
C PHE A 242 5.19 6.77 -19.72
N GLN A 243 5.77 7.43 -18.76
CA GLN A 243 6.77 8.43 -19.06
C GLN A 243 8.01 7.81 -19.62
N PRO A 244 8.69 8.54 -20.48
CA PRO A 244 9.98 8.04 -20.93
C PRO A 244 10.87 7.75 -19.73
N GLY A 245 11.59 6.66 -19.77
CA GLY A 245 12.48 6.38 -18.68
C GLY A 245 11.80 5.87 -17.42
N PHE A 246 10.60 5.34 -17.57
CA PHE A 246 9.85 4.90 -16.38
C PHE A 246 10.54 3.82 -15.57
N MET A 247 11.35 3.00 -16.21
CA MET A 247 12.07 1.96 -15.51
C MET A 247 13.23 2.42 -14.64
N ALA A 248 13.66 3.66 -14.82
CA ALA A 248 14.65 4.20 -13.94
C ALA A 248 14.00 5.10 -12.87
N ALA A 249 12.69 5.28 -12.94
CA ALA A 249 11.99 6.08 -11.96
C ALA A 249 11.50 5.33 -10.73
N GLY A 250 11.85 5.82 -9.55
CA GLY A 250 11.28 5.25 -8.34
C GLY A 250 9.96 5.96 -8.01
N TYR A 251 9.32 5.53 -6.95
CA TYR A 251 8.04 6.11 -6.54
C TYR A 251 8.12 7.63 -6.34
N GLY A 252 9.17 8.08 -5.70
CA GLY A 252 9.31 9.51 -5.47
C GLY A 252 9.33 10.35 -6.74
N GLU A 253 10.06 9.88 -7.76
CA GLU A 253 10.07 10.55 -9.05
C GLU A 253 8.71 10.49 -9.71
N SER A 254 8.04 9.36 -9.64
CA SER A 254 6.73 9.20 -10.23
C SER A 254 5.70 10.14 -9.59
N ALA A 255 5.74 10.22 -8.28
CA ALA A 255 4.83 11.12 -7.56
C ALA A 255 5.09 12.57 -7.90
N GLY A 256 6.35 12.91 -8.07
CA GLY A 256 6.73 14.27 -8.46
C GLY A 256 6.23 14.64 -9.83
N LEU A 257 6.34 13.71 -10.76
CA LEU A 257 5.83 13.91 -12.10
C LEU A 257 4.34 14.19 -12.11
N PHE A 258 3.59 13.45 -11.31
CA PHE A 258 2.14 13.67 -11.19
C PHE A 258 1.89 15.04 -10.52
N GLY A 259 2.61 15.31 -9.45
CA GLY A 259 2.48 16.59 -8.79
C GLY A 259 2.84 17.81 -9.63
N ASP A 260 3.72 17.63 -10.62
CA ASP A 260 4.16 18.69 -11.50
C ASP A 260 3.32 18.82 -12.76
N TYR A 261 2.22 18.12 -12.80
CA TYR A 261 1.27 18.17 -13.94
C TYR A 261 1.90 17.66 -15.22
N LYS A 262 2.80 16.69 -15.07
CA LYS A 262 3.52 16.14 -16.21
C LYS A 262 3.05 14.73 -16.59
N ALA A 263 2.06 14.22 -15.89
CA ALA A 263 1.44 12.94 -16.22
C ALA A 263 0.04 13.01 -15.64
N ALA A 264 -0.92 12.41 -16.30
CA ALA A 264 -2.29 12.54 -15.91
C ALA A 264 -2.84 11.57 -14.90
N ILE A 265 -2.18 10.41 -14.74
CA ILE A 265 -2.72 9.34 -13.93
C ILE A 265 -1.64 8.69 -13.05
N HIS A 266 -2.02 8.36 -11.81
CA HIS A 266 -1.11 7.69 -10.89
C HIS A 266 -1.84 6.64 -10.08
N LEU A 267 -1.54 5.35 -10.36
CA LEU A 267 -2.14 4.26 -9.62
C LEU A 267 -1.38 4.07 -8.35
N MET A 268 -2.02 4.41 -7.23
CA MET A 268 -1.29 4.40 -5.98
C MET A 268 -2.17 4.41 -4.79
N GLY A 269 -1.63 4.00 -3.64
CA GLY A 269 -2.32 4.07 -2.38
C GLY A 269 -2.71 5.49 -2.04
N ASP A 270 -3.59 5.63 -1.07
CA ASP A 270 -4.11 6.95 -0.71
C ASP A 270 -3.12 7.86 -0.03
N TRP A 271 -1.99 7.33 0.40
CA TRP A 271 -0.90 8.12 0.94
C TRP A 271 -0.28 9.07 -0.11
N ASP A 272 -0.64 8.83 -1.38
CA ASP A 272 -0.08 9.64 -2.47
C ASP A 272 -0.57 11.06 -2.45
N TYR A 273 -1.72 11.27 -1.83
CA TYR A 273 -2.34 12.61 -1.79
C TYR A 273 -1.37 13.63 -1.25
N ASN A 274 -0.82 13.32 -0.09
CA ASN A 274 0.15 14.20 0.51
C ASN A 274 1.53 14.09 -0.16
N PHE A 275 1.86 12.91 -0.66
CA PHE A 275 3.19 12.69 -1.22
C PHE A 275 3.46 13.42 -2.53
N GLN A 276 2.47 13.45 -3.41
CA GLN A 276 2.60 14.12 -4.70
C GLN A 276 2.78 15.61 -4.48
N ALA A 277 2.14 16.13 -3.44
CA ALA A 277 2.35 17.51 -3.10
C ALA A 277 3.76 17.76 -2.60
N GLN A 278 4.24 16.94 -1.69
CA GLN A 278 5.61 17.09 -1.22
C GLN A 278 6.67 16.92 -2.29
N GLN A 279 6.39 16.11 -3.29
CA GLN A 279 7.35 15.82 -4.37
C GLN A 279 7.28 16.80 -5.51
N ALA A 280 6.19 17.53 -5.57
CA ALA A 280 6.10 18.60 -6.55
C ALA A 280 7.10 19.75 -6.28
N VAL A 281 7.60 20.32 -7.36
CA VAL A 281 8.49 21.48 -7.25
C VAL A 281 7.81 22.63 -6.44
N ASP A 282 6.51 22.80 -6.64
CA ASP A 282 5.79 23.85 -5.93
C ASP A 282 5.32 23.52 -4.54
N LYS A 283 5.54 22.30 -4.09
CA LYS A 283 5.11 21.85 -2.77
C LYS A 283 3.61 21.81 -2.56
N LYS A 284 2.85 21.79 -3.63
CA LYS A 284 1.42 21.78 -3.57
C LYS A 284 0.85 20.66 -4.44
N GLY A 285 1.44 20.44 -5.60
CA GLY A 285 0.98 19.39 -6.48
C GLY A 285 -0.33 19.61 -7.11
N VAL A 286 -1.00 18.52 -7.41
CA VAL A 286 -2.32 18.64 -7.98
C VAL A 286 -3.27 19.08 -6.87
N VAL A 287 -3.76 20.29 -6.99
CA VAL A 287 -4.66 20.83 -6.01
C VAL A 287 -6.04 20.23 -6.12
N ASP A 288 -6.81 20.36 -5.06
CA ASP A 288 -8.10 19.71 -4.98
C ASP A 288 -9.03 20.00 -6.17
N SER A 289 -9.07 21.24 -6.62
CA SER A 289 -9.86 21.62 -7.80
C SER A 289 -9.45 20.92 -9.06
N ASP A 290 -8.24 20.42 -9.12
CA ASP A 290 -7.73 19.73 -10.30
C ASP A 290 -7.60 18.21 -10.10
N LEU A 291 -7.99 17.72 -8.95
CA LEU A 291 -7.75 16.32 -8.64
C LEU A 291 -8.93 15.44 -8.56
N GLY A 292 -8.77 14.21 -9.08
CA GLY A 292 -9.77 13.22 -8.96
C GLY A 292 -9.23 11.89 -8.46
N PHE A 293 -10.12 11.02 -8.02
CA PHE A 293 -9.78 9.66 -7.63
C PHE A 293 -10.87 8.72 -8.16
N MET A 294 -10.43 7.62 -8.76
CA MET A 294 -11.33 6.59 -9.23
C MET A 294 -10.86 5.22 -8.83
N ASN A 295 -11.80 4.34 -8.59
CA ASN A 295 -11.50 2.97 -8.32
C ASN A 295 -10.97 2.28 -9.58
N PHE A 296 -10.25 1.20 -9.38
CA PHE A 296 -9.83 0.43 -10.53
C PHE A 296 -11.10 -0.08 -11.23
N PRO A 297 -11.11 0.06 -12.60
CA PRO A 297 -12.34 -0.34 -13.27
C PRO A 297 -12.57 -1.81 -13.37
N VAL A 298 -13.71 -2.14 -13.92
CA VAL A 298 -14.05 -3.52 -14.11
C VAL A 298 -13.59 -4.06 -15.47
N LEU A 299 -13.50 -5.38 -15.55
CA LEU A 299 -13.06 -6.00 -16.77
C LEU A 299 -14.16 -6.84 -17.36
N LYS A 300 -14.32 -6.70 -18.65
CA LYS A 300 -15.36 -7.46 -19.39
C LYS A 300 -15.26 -8.94 -19.14
N GLY A 301 -16.40 -9.52 -18.77
CA GLY A 301 -16.43 -10.94 -18.45
C GLY A 301 -15.74 -11.37 -17.16
N GLY A 302 -15.16 -10.41 -16.45
CA GLY A 302 -14.56 -10.70 -15.21
C GLY A 302 -15.45 -11.14 -14.08
N ALA A 303 -14.86 -11.90 -13.20
CA ALA A 303 -15.56 -12.37 -12.03
C ALA A 303 -15.39 -11.46 -10.82
N GLY A 304 -14.59 -10.41 -10.98
CA GLY A 304 -14.38 -9.49 -9.90
C GLY A 304 -15.29 -8.29 -9.90
N ALA A 305 -15.45 -7.69 -8.77
CA ALA A 305 -16.32 -6.56 -8.64
C ALA A 305 -15.55 -5.29 -8.54
N GLY A 306 -16.13 -4.19 -9.03
CA GLY A 306 -15.49 -2.90 -8.94
C GLY A 306 -15.27 -2.38 -7.53
N SER A 307 -16.04 -2.92 -6.61
CA SER A 307 -15.93 -2.57 -5.22
C SER A 307 -14.80 -3.31 -4.46
N ASP A 308 -14.28 -4.37 -5.03
CA ASP A 308 -13.19 -5.10 -4.43
C ASP A 308 -11.97 -4.20 -4.43
N THR A 309 -11.26 -4.17 -3.32
CA THR A 309 -10.16 -3.25 -3.20
C THR A 309 -8.80 -3.89 -2.97
N LEU A 310 -7.78 -3.31 -3.53
CA LEU A 310 -6.41 -3.66 -3.27
C LEU A 310 -5.92 -2.59 -2.31
N GLY A 311 -5.19 -3.03 -1.28
CA GLY A 311 -4.64 -2.10 -0.31
C GLY A 311 -4.04 -2.89 0.84
N GLY A 312 -4.42 -2.55 2.04
CA GLY A 312 -4.00 -3.35 3.17
C GLY A 312 -4.22 -2.81 4.57
N ILE A 313 -3.67 -3.47 5.55
CA ILE A 313 -3.70 -3.02 6.94
C ILE A 313 -2.27 -3.01 7.37
N ASN A 314 -1.74 -1.82 7.48
CA ASN A 314 -0.35 -1.70 7.88
C ASN A 314 -0.28 -1.41 9.37
N GLY A 315 0.83 -1.75 9.97
CA GLY A 315 1.00 -1.50 11.37
C GLY A 315 2.44 -1.55 11.83
N PHE A 316 2.61 -1.86 13.09
CA PHE A 316 3.93 -2.00 13.70
C PHE A 316 4.01 -3.33 14.41
N ALA A 317 5.08 -4.04 14.12
CA ALA A 317 5.35 -5.31 14.73
C ALA A 317 6.40 -5.18 15.82
N PHE A 318 6.27 -6.04 16.82
CA PHE A 318 7.20 -6.07 17.89
C PHE A 318 8.30 -7.07 17.59
N ALA A 319 9.52 -6.59 17.48
CA ALA A 319 10.67 -7.49 17.34
C ALA A 319 10.96 -8.28 18.62
N LYS A 320 11.45 -9.49 18.48
CA LYS A 320 11.87 -10.26 19.62
C LYS A 320 12.71 -9.41 20.55
N GLY A 321 12.42 -9.48 21.84
CA GLY A 321 13.13 -8.70 22.83
C GLY A 321 12.50 -7.39 23.17
N ALA A 322 11.41 -7.05 22.51
CA ALA A 322 10.75 -5.79 22.76
C ALA A 322 10.37 -5.64 24.22
N LYS A 323 10.62 -4.44 24.73
CA LYS A 323 10.31 -4.12 26.12
C LYS A 323 8.82 -3.81 26.32
N PRO A 324 8.34 -4.03 27.53
CA PRO A 324 6.92 -3.76 27.78
C PRO A 324 6.55 -2.29 27.52
N GLU A 325 7.51 -1.39 27.70
CA GLU A 325 7.27 0.01 27.50
C GLU A 325 6.92 0.33 26.05
N ALA A 326 7.24 -0.59 25.14
CA ALA A 326 6.93 -0.37 23.72
C ALA A 326 5.43 -0.47 23.49
N ALA A 327 4.75 -1.30 24.27
CA ALA A 327 3.31 -1.43 24.16
C ALA A 327 2.63 -0.20 24.82
N LYS A 328 3.26 0.33 25.83
CA LYS A 328 2.74 1.54 26.48
C LYS A 328 2.81 2.70 25.47
N TRP A 329 3.93 2.82 24.78
CA TRP A 329 4.03 3.81 23.71
C TRP A 329 3.00 3.58 22.62
N LEU A 330 2.89 2.35 22.16
CA LEU A 330 1.98 2.06 21.09
C LEU A 330 0.55 2.33 21.45
N GLU A 331 0.15 2.03 22.68
CA GLU A 331 -1.19 2.34 23.15
C GLU A 331 -1.53 3.82 22.95
N PHE A 332 -0.58 4.67 23.25
CA PHE A 332 -0.81 6.09 23.16
C PHE A 332 -0.67 6.60 21.73
N PHE A 333 0.39 6.16 21.05
CA PHE A 333 0.62 6.56 19.67
C PHE A 333 -0.56 6.19 18.77
N LEU A 334 -1.21 5.06 19.01
CA LEU A 334 -2.34 4.62 18.16
C LEU A 334 -3.71 4.97 18.74
N ASN A 335 -3.73 5.85 19.73
CA ASN A 335 -5.00 6.18 20.38
C ASN A 335 -5.91 7.06 19.51
N GLU A 336 -7.14 7.26 19.95
CA GLU A 336 -8.08 8.04 19.16
C GLU A 336 -7.64 9.46 18.81
N ASN A 337 -7.11 10.18 19.78
CA ASN A 337 -6.65 11.55 19.53
C ASN A 337 -5.48 11.61 18.58
N SER A 338 -4.58 10.67 18.73
CA SER A 338 -3.45 10.58 17.85
C SER A 338 -3.85 10.31 16.41
N GLN A 339 -4.71 9.31 16.24
CA GLN A 339 -5.15 8.91 14.93
C GLN A 339 -6.09 9.92 14.27
N THR A 340 -6.82 10.65 15.09
CA THR A 340 -7.67 11.72 14.58
C THR A 340 -6.81 12.81 13.90
N LYS A 341 -5.73 13.19 14.54
CA LYS A 341 -4.80 14.16 13.90
C LYS A 341 -4.29 13.66 12.57
N LEU A 342 -3.90 12.41 12.51
CA LEU A 342 -3.34 11.82 11.28
C LEU A 342 -4.39 11.70 10.19
N ALA A 343 -5.66 11.55 10.55
CA ALA A 343 -6.72 11.61 9.56
C ALA A 343 -7.01 13.07 9.13
N GLU A 344 -6.87 14.01 10.08
CA GLU A 344 -7.14 15.42 9.79
C GLU A 344 -6.13 16.06 8.86
N ILE A 345 -4.91 15.53 8.84
CA ILE A 345 -3.87 15.99 7.90
C ILE A 345 -3.88 15.20 6.61
N ASP A 346 -4.91 14.41 6.43
CA ASP A 346 -5.13 13.68 5.18
C ASP A 346 -4.19 12.55 4.88
N GLN A 347 -3.55 12.05 5.91
CA GLN A 347 -2.57 11.00 5.65
C GLN A 347 -3.15 9.62 5.65
N ILE A 348 -3.73 9.26 6.76
CA ILE A 348 -4.27 7.94 6.92
C ILE A 348 -5.76 7.73 7.06
N ILE A 349 -6.21 6.53 6.70
CA ILE A 349 -7.54 6.08 7.05
C ILE A 349 -7.21 5.34 8.39
N PRO A 350 -7.71 5.88 9.48
CA PRO A 350 -7.35 5.31 10.78
C PRO A 350 -7.93 3.96 11.17
N VAL A 351 -7.31 3.34 12.18
CA VAL A 351 -7.80 2.09 12.71
C VAL A 351 -8.35 2.25 14.14
N ALA A 352 -8.03 3.36 14.79
CA ALA A 352 -8.59 3.61 16.11
C ALA A 352 -10.06 3.93 16.05
N LYS A 353 -10.80 3.30 16.93
CA LYS A 353 -12.23 3.56 17.02
C LYS A 353 -12.50 5.04 17.28
N GLY A 354 -13.42 5.57 16.48
CA GLY A 354 -13.75 6.98 16.61
C GLY A 354 -12.94 7.99 15.81
N ALA A 355 -11.72 7.62 15.46
CA ALA A 355 -10.85 8.53 14.72
C ALA A 355 -11.28 8.84 13.29
N ASP A 356 -12.26 8.11 12.82
CA ASP A 356 -12.86 8.38 11.52
C ASP A 356 -13.55 9.76 11.52
N LYS A 357 -13.72 10.34 12.70
CA LYS A 357 -14.24 11.71 12.78
C LYS A 357 -13.27 12.67 12.08
N GLY A 358 -11.97 12.32 12.00
CA GLY A 358 -10.94 13.11 11.31
C GLY A 358 -10.91 13.03 9.81
N LEU A 359 -11.75 12.20 9.26
CA LEU A 359 -11.84 12.06 7.83
C LEU A 359 -12.81 13.04 7.19
N LYS A 360 -12.45 14.29 7.25
CA LYS A 360 -13.30 15.35 6.64
C LYS A 360 -13.08 15.58 5.18
N ASN A 361 -11.88 15.36 4.69
CA ASN A 361 -11.53 15.56 3.29
C ASN A 361 -12.30 14.62 2.41
N PRO A 362 -13.03 15.15 1.43
CA PRO A 362 -13.88 14.26 0.65
C PRO A 362 -13.16 13.13 -0.11
N PHE A 363 -11.94 13.36 -0.54
CA PHE A 363 -11.20 12.27 -1.20
C PHE A 363 -11.04 11.11 -0.22
N LYS A 364 -10.57 11.41 0.97
CA LYS A 364 -10.35 10.37 1.98
C LYS A 364 -11.60 9.81 2.61
N GLN A 365 -12.60 10.65 2.77
CA GLN A 365 -13.88 10.15 3.25
C GLN A 365 -14.49 9.09 2.30
N LYS A 366 -14.46 9.39 1.02
CA LYS A 366 -14.97 8.44 0.02
C LYS A 366 -14.13 7.14 0.00
N ILE A 367 -12.83 7.30 0.07
CA ILE A 367 -11.94 6.12 0.11
C ILE A 367 -12.21 5.25 1.35
N SER A 368 -12.50 5.88 2.48
CA SER A 368 -12.81 5.13 3.69
C SER A 368 -14.12 4.30 3.56
N GLN A 369 -15.10 4.86 2.83
CA GLN A 369 -16.37 4.16 2.60
C GLN A 369 -16.17 2.99 1.63
N THR A 370 -15.30 3.17 0.66
CA THR A 370 -15.01 2.06 -0.27
C THR A 370 -14.34 0.90 0.48
N ILE A 371 -13.43 1.25 1.35
CA ILE A 371 -12.74 0.23 2.11
C ILE A 371 -13.71 -0.51 3.01
N SER A 372 -14.60 0.23 3.68
CA SER A 372 -15.56 -0.39 4.57
C SER A 372 -16.59 -1.26 3.84
N SER A 373 -16.96 -0.88 2.64
CA SER A 373 -17.99 -1.59 1.87
C SER A 373 -17.44 -2.73 1.06
N ALA A 374 -16.14 -2.80 0.96
CA ALA A 374 -15.51 -3.86 0.16
C ALA A 374 -15.73 -5.24 0.71
N GLN A 375 -16.32 -6.10 -0.11
CA GLN A 375 -16.45 -7.49 0.30
C GLN A 375 -15.07 -8.15 0.28
N TRP A 376 -14.27 -7.85 -0.73
CA TRP A 376 -12.90 -8.35 -0.82
C TRP A 376 -11.91 -7.21 -0.66
N HIS A 377 -11.16 -7.26 0.42
CA HIS A 377 -10.15 -6.24 0.73
C HIS A 377 -8.84 -6.97 0.74
N GLN A 378 -8.20 -6.98 -0.41
CA GLN A 378 -6.98 -7.73 -0.55
C GLN A 378 -5.70 -6.97 -0.26
N VAL A 379 -4.83 -7.61 0.46
CA VAL A 379 -3.56 -7.04 0.74
C VAL A 379 -2.67 -7.05 -0.51
N PHE A 380 -1.88 -5.99 -0.69
CA PHE A 380 -0.91 -5.91 -1.77
C PHE A 380 -0.30 -7.27 -2.06
N PHE A 381 -0.32 -7.66 -3.31
CA PHE A 381 0.14 -9.00 -3.62
C PHE A 381 1.58 -9.27 -3.16
N ASP A 382 2.46 -8.32 -3.41
CA ASP A 382 3.85 -8.50 -2.99
C ASP A 382 3.98 -8.76 -1.50
N GLN A 383 3.17 -8.10 -0.71
CA GLN A 383 3.17 -8.28 0.72
C GLN A 383 2.41 -9.55 1.17
N ALA A 384 1.34 -9.87 0.51
CA ALA A 384 0.60 -11.07 0.84
C ALA A 384 1.45 -12.32 0.60
N LEU A 385 2.27 -12.28 -0.46
CA LEU A 385 3.03 -13.48 -0.85
C LEU A 385 4.42 -13.61 -0.27
N GLY A 386 4.88 -12.58 0.43
CA GLY A 386 6.20 -12.61 0.98
C GLY A 386 7.28 -12.06 0.09
N ALA A 387 8.46 -11.88 0.66
CA ALA A 387 9.54 -11.24 -0.07
C ALA A 387 9.94 -11.95 -1.34
N ASP A 388 9.90 -13.27 -1.33
CA ASP A 388 10.36 -14.04 -2.49
C ASP A 388 9.28 -14.06 -3.57
N VAL A 389 8.14 -14.62 -3.26
CA VAL A 389 7.08 -14.75 -4.27
C VAL A 389 6.50 -13.39 -4.67
N GLY A 390 6.39 -12.50 -3.70
CA GLY A 390 6.00 -11.13 -4.01
C GLY A 390 7.04 -10.44 -4.87
N GLY A 391 8.30 -10.75 -4.65
CA GLY A 391 9.37 -10.25 -5.49
C GLY A 391 9.27 -10.76 -6.91
N VAL A 392 8.88 -12.00 -7.07
CA VAL A 392 8.61 -12.52 -8.38
C VAL A 392 7.43 -11.77 -9.05
N VAL A 393 6.36 -11.53 -8.32
CA VAL A 393 5.23 -10.77 -8.88
C VAL A 393 5.70 -9.37 -9.32
N ASN A 394 6.55 -8.77 -8.51
CA ASN A 394 7.08 -7.46 -8.84
C ASN A 394 7.95 -7.52 -10.10
N ASP A 395 8.81 -8.52 -10.17
CA ASP A 395 9.66 -8.72 -11.36
C ASP A 395 8.87 -9.02 -12.66
N ILE A 396 7.88 -9.85 -12.56
CA ILE A 396 7.10 -10.18 -13.73
C ILE A 396 6.16 -9.05 -14.23
N SER A 397 5.83 -8.13 -13.33
CA SER A 397 4.98 -6.98 -13.69
C SER A 397 5.73 -6.05 -14.64
N VAL A 398 6.96 -5.71 -14.25
CA VAL A 398 7.79 -4.90 -15.15
C VAL A 398 8.30 -5.76 -16.30
N GLY A 399 8.48 -7.04 -16.06
CA GLY A 399 8.91 -7.93 -17.11
C GLY A 399 7.93 -8.09 -18.25
N ILE A 400 6.68 -8.17 -17.93
CA ILE A 400 5.67 -8.23 -18.99
C ILE A 400 5.71 -6.95 -19.80
N VAL A 401 5.71 -5.81 -19.12
CA VAL A 401 5.75 -4.51 -19.80
C VAL A 401 6.97 -4.36 -20.70
N ASN A 402 8.11 -4.84 -20.23
CA ASN A 402 9.32 -4.74 -20.99
C ASN A 402 9.57 -5.83 -22.05
N GLY A 403 8.74 -6.84 -22.07
CA GLY A 403 8.87 -7.92 -23.05
C GLY A 403 9.81 -9.04 -22.66
N ASP A 404 10.22 -9.08 -21.40
CA ASP A 404 11.13 -10.12 -20.91
C ASP A 404 10.43 -11.45 -20.80
N VAL A 405 9.18 -11.41 -20.38
CA VAL A 405 8.38 -12.59 -20.22
C VAL A 405 6.98 -12.37 -20.78
N THR A 406 6.39 -13.43 -21.27
CA THR A 406 5.04 -13.37 -21.73
C THR A 406 4.08 -13.53 -20.55
N PRO A 407 2.78 -13.17 -20.76
CA PRO A 407 1.84 -13.43 -19.66
C PRO A 407 1.87 -14.85 -19.09
N LYS A 408 1.99 -15.82 -19.97
CA LYS A 408 2.05 -17.19 -19.53
C LYS A 408 3.32 -17.52 -18.71
N GLU A 409 4.45 -17.09 -19.20
CA GLU A 409 5.69 -17.32 -18.47
C GLU A 409 5.61 -16.64 -17.08
N ALA A 410 5.11 -15.43 -17.05
CA ALA A 410 4.99 -14.68 -15.81
C ALA A 410 4.14 -15.43 -14.78
N ALA A 411 2.96 -15.87 -15.18
CA ALA A 411 2.04 -16.59 -14.29
C ALA A 411 2.65 -17.89 -13.78
N GLU A 412 3.36 -18.57 -14.67
CA GLU A 412 4.03 -19.83 -14.32
C GLU A 412 5.12 -19.62 -13.29
N GLN A 413 5.86 -18.52 -13.40
CA GLN A 413 6.89 -18.21 -12.43
C GLN A 413 6.35 -17.99 -11.05
N VAL A 414 5.27 -17.24 -10.97
CA VAL A 414 4.61 -16.99 -9.70
C VAL A 414 4.15 -18.28 -9.04
N GLN A 415 3.44 -19.07 -9.80
CA GLN A 415 2.97 -20.35 -9.29
C GLN A 415 4.08 -21.26 -8.80
N GLU A 416 5.16 -21.32 -9.57
CA GLU A 416 6.23 -22.22 -9.22
C GLU A 416 6.95 -21.78 -7.94
N ALA A 417 7.17 -20.49 -7.81
CA ALA A 417 7.76 -19.95 -6.60
C ALA A 417 6.83 -20.14 -5.41
N TRP A 418 5.53 -19.95 -5.64
CA TRP A 418 4.57 -20.12 -4.59
C TRP A 418 4.50 -21.61 -4.12
N GLU A 419 4.48 -22.51 -5.09
CA GLU A 419 4.43 -23.92 -4.71
C GLU A 419 5.64 -24.30 -3.86
N MET A 420 6.81 -23.75 -4.18
CA MET A 420 7.99 -24.04 -3.38
C MET A 420 7.91 -23.40 -2.01
N ARG A 421 7.35 -22.21 -1.90
CA ARG A 421 7.15 -21.57 -0.61
C ARG A 421 6.20 -22.39 0.31
#